data_8FTR
#
_entry.id   8FTR
#
_cell.length_a   67.134
_cell.length_b   67.134
_cell.length_c   184.338
_cell.angle_alpha   90.00
_cell.angle_beta   90.00
_cell.angle_gamma   90.00
#
_symmetry.space_group_name_H-M   'P 43 21 2'
#
loop_
_entity.id
_entity.type
_entity.pdbx_description
1 polymer Methyltransferase
2 non-polymer "5'-DEOXY-5'-METHYLTHIOADENOSINE"
3 non-polymer 'ZINC ION'
4 non-polymer '2-OXO-4-METHYLPENTANOIC ACID'
5 water water
#
_entity_poly.entity_id   1
_entity_poly.type   'polypeptide(L)'
_entity_poly.pdbx_seq_one_letter_code
;MATHDIAAQHLADGIAASGPAPDLAAAAAFLEMGDRLGVVAHLDPDRTLETAEVAAALDLPEPALVRYLDAVESAGLVIR
EGEGRYRACPDFDTIRHQAGYISWTMNANRPFIENARDFFTDWDKAARTHVRDYREVAVSSQWMGSHAFYPTALATIIDA
APRKVVDLGAGTCRLLIEVLGAVPGSTGVGLDFAADACRAAEQAVAQAGMTDRLTVVERTIQSVATDPGVLEGADVIHAG
FVFHDMLPEEEDVCDQVLANCRESLAPGGFLAITDAVPYLRNDRERRFSAAVSYYHGEFMRRRLQSEEEWVERLRGAGFS
DVRALTLAFPTGRLFLAHR
;
_entity_poly.pdbx_strand_id   A
#
# COMPACT_ATOMS: atom_id res chain seq x y z
N ILE A 6 -6.22 -46.14 -7.75
CA ILE A 6 -6.51 -46.67 -9.09
C ILE A 6 -7.19 -45.61 -9.97
N ALA A 7 -6.38 -44.69 -10.52
CA ALA A 7 -6.82 -43.51 -11.27
C ALA A 7 -7.62 -42.54 -10.39
N ALA A 8 -8.01 -43.03 -9.20
CA ALA A 8 -8.26 -42.16 -8.06
C ALA A 8 -6.96 -41.69 -7.44
N GLN A 9 -5.85 -42.34 -7.79
CA GLN A 9 -4.53 -41.86 -7.41
C GLN A 9 -4.15 -40.62 -8.20
N HIS A 10 -4.21 -40.70 -9.54
CA HIS A 10 -3.93 -39.56 -10.39
C HIS A 10 -4.71 -38.32 -9.93
N LEU A 11 -5.95 -38.53 -9.44
CA LEU A 11 -6.78 -37.42 -9.03
C LEU A 11 -6.27 -36.82 -7.73
N ALA A 12 -6.04 -37.66 -6.71
CA ALA A 12 -5.56 -37.14 -5.42
C ALA A 12 -4.16 -36.54 -5.54
N ASP A 13 -3.30 -37.15 -6.37
CA ASP A 13 -1.97 -36.60 -6.58
C ASP A 13 -2.05 -35.22 -7.26
N GLY A 14 -2.92 -35.08 -8.24
CA GLY A 14 -3.07 -33.79 -8.89
C GLY A 14 -3.58 -32.72 -7.93
N ILE A 15 -4.60 -33.04 -7.14
CA ILE A 15 -5.16 -32.07 -6.20
C ILE A 15 -4.07 -31.56 -5.24
N ALA A 16 -3.24 -32.47 -4.71
CA ALA A 16 -2.16 -32.06 -3.81
C ALA A 16 -1.13 -31.17 -4.53
N ALA A 17 -0.82 -31.48 -5.78
CA ALA A 17 0.15 -30.68 -6.51
C ALA A 17 -0.35 -29.26 -6.80
N SER A 18 -1.64 -29.09 -7.17
CA SER A 18 -2.16 -27.75 -7.46
C SER A 18 -2.32 -26.90 -6.21
N GLY A 19 -2.68 -27.54 -5.09
CA GLY A 19 -2.91 -26.84 -3.84
C GLY A 19 -3.90 -25.69 -3.98
N PRO A 20 -3.60 -24.56 -3.31
CA PRO A 20 -4.49 -23.41 -3.37
C PRO A 20 -4.35 -22.55 -4.61
N ALA A 21 -3.52 -22.94 -5.56
CA ALA A 21 -3.26 -22.06 -6.70
C ALA A 21 -4.47 -21.84 -7.61
N PRO A 22 -5.27 -22.86 -7.97
CA PRO A 22 -6.50 -22.56 -8.77
C PRO A 22 -7.40 -21.52 -8.11
N ASP A 23 -7.68 -21.68 -6.81
CA ASP A 23 -8.52 -20.72 -6.08
C ASP A 23 -7.96 -19.30 -6.11
N LEU A 24 -6.65 -19.17 -5.87
CA LEU A 24 -6.03 -17.84 -5.82
C LEU A 24 -6.00 -17.21 -7.19
N ALA A 25 -5.63 -17.99 -8.21
CA ALA A 25 -5.57 -17.46 -9.57
C ALA A 25 -6.93 -16.93 -9.98
N ALA A 26 -8.00 -17.65 -9.60
CA ALA A 26 -9.33 -17.25 -10.01
C ALA A 26 -9.80 -16.03 -9.23
N ALA A 27 -9.55 -16.02 -7.91
CA ALA A 27 -9.92 -14.84 -7.11
C ALA A 27 -9.22 -13.59 -7.61
N ALA A 28 -7.93 -13.71 -7.92
CA ALA A 28 -7.17 -12.52 -8.29
C ALA A 28 -7.66 -11.95 -9.62
N ALA A 29 -7.99 -12.82 -10.57
CA ALA A 29 -8.46 -12.33 -11.86
C ALA A 29 -9.85 -11.70 -11.74
N PHE A 30 -10.78 -12.41 -11.08
CA PHE A 30 -12.10 -11.82 -10.85
C PHE A 30 -12.01 -10.46 -10.17
N LEU A 31 -11.13 -10.35 -9.16
CA LEU A 31 -11.09 -9.15 -8.35
C LEU A 31 -10.37 -8.00 -9.05
N GLU A 32 -9.29 -8.28 -9.80
CA GLU A 32 -8.70 -7.22 -10.62
C GLU A 32 -9.70 -6.75 -11.68
N MET A 33 -10.33 -7.69 -12.38
CA MET A 33 -11.34 -7.31 -13.38
C MET A 33 -12.42 -6.45 -12.77
N GLY A 34 -12.96 -6.88 -11.63
CA GLY A 34 -14.02 -6.15 -10.99
C GLY A 34 -13.57 -4.82 -10.44
N ASP A 35 -12.33 -4.75 -9.98
CA ASP A 35 -11.86 -3.48 -9.46
C ASP A 35 -11.66 -2.47 -10.58
N ARG A 36 -11.12 -2.91 -11.73
CA ARG A 36 -10.99 -2.02 -12.87
C ARG A 36 -12.36 -1.50 -13.31
N LEU A 37 -13.39 -2.34 -13.22
CA LEU A 37 -14.76 -1.93 -13.54
C LEU A 37 -15.34 -0.96 -12.52
N GLY A 38 -14.73 -0.87 -11.33
CA GLY A 38 -15.32 -0.14 -10.21
C GLY A 38 -16.23 -0.96 -9.30
N VAL A 39 -16.43 -2.25 -9.59
CA VAL A 39 -17.43 -3.04 -8.88
C VAL A 39 -16.96 -3.45 -7.49
N VAL A 40 -15.65 -3.66 -7.31
CA VAL A 40 -15.16 -4.27 -6.07
C VAL A 40 -15.33 -3.33 -4.89
N ALA A 41 -15.28 -2.01 -5.13
CA ALA A 41 -15.48 -1.04 -4.06
C ALA A 41 -16.91 -1.07 -3.52
N HIS A 42 -17.84 -1.71 -4.21
CA HIS A 42 -19.21 -1.85 -3.75
C HIS A 42 -19.47 -3.21 -3.10
N LEU A 43 -18.47 -4.10 -3.06
CA LEU A 43 -18.62 -5.40 -2.43
C LEU A 43 -18.08 -5.35 -1.01
N ASP A 44 -18.89 -5.84 -0.07
CA ASP A 44 -18.56 -5.81 1.34
C ASP A 44 -19.29 -6.96 2.02
N PRO A 45 -18.68 -7.61 3.00
CA PRO A 45 -19.39 -8.70 3.69
C PRO A 45 -20.57 -8.23 4.51
N ASP A 46 -20.65 -6.96 4.88
CA ASP A 46 -21.68 -6.49 5.80
C ASP A 46 -22.91 -5.87 5.13
N ARG A 47 -23.00 -5.86 3.79
CA ARG A 47 -24.17 -5.26 3.14
C ARG A 47 -24.22 -5.74 1.70
N THR A 48 -25.32 -5.37 1.02
CA THR A 48 -25.52 -5.82 -0.34
C THR A 48 -25.24 -4.73 -1.36
N LEU A 49 -24.88 -5.18 -2.55
CA LEU A 49 -24.76 -4.36 -3.74
C LEU A 49 -26.05 -4.51 -4.53
N GLU A 50 -26.74 -3.40 -4.82
CA GLU A 50 -27.99 -3.44 -5.57
C GLU A 50 -27.66 -3.19 -7.04
N THR A 51 -27.89 -4.19 -7.90
CA THR A 51 -27.39 -4.13 -9.26
C THR A 51 -27.95 -2.93 -10.03
N ALA A 52 -29.27 -2.70 -9.96
CA ALA A 52 -29.89 -1.60 -10.69
C ALA A 52 -29.21 -0.26 -10.38
N GLU A 53 -28.87 -0.02 -9.11
CA GLU A 53 -28.23 1.25 -8.77
C GLU A 53 -26.74 1.26 -9.12
N VAL A 54 -26.03 0.15 -8.88
CA VAL A 54 -24.59 0.19 -9.14
C VAL A 54 -24.32 0.20 -10.64
N ALA A 55 -25.13 -0.48 -11.42
CA ALA A 55 -24.97 -0.45 -12.87
C ALA A 55 -25.11 0.97 -13.39
N ALA A 56 -26.04 1.73 -12.80
CA ALA A 56 -26.24 3.12 -13.21
C ALA A 56 -25.08 3.99 -12.73
N ALA A 57 -24.66 3.81 -11.48
CA ALA A 57 -23.57 4.61 -10.93
C ALA A 57 -22.25 4.36 -11.65
N LEU A 58 -22.02 3.14 -12.13
CA LEU A 58 -20.78 2.80 -12.84
C LEU A 58 -20.90 2.94 -14.36
N ASP A 59 -22.09 3.29 -14.88
CA ASP A 59 -22.32 3.41 -16.32
C ASP A 59 -22.01 2.09 -17.04
N LEU A 60 -22.58 1.01 -16.51
CA LEU A 60 -22.43 -0.31 -17.07
C LEU A 60 -23.80 -0.87 -17.39
N PRO A 61 -23.95 -1.62 -18.49
CA PRO A 61 -25.23 -2.29 -18.75
C PRO A 61 -25.58 -3.25 -17.62
N GLU A 62 -26.81 -3.15 -17.11
CA GLU A 62 -27.17 -3.98 -15.97
C GLU A 62 -27.09 -5.48 -16.28
N PRO A 63 -27.55 -5.99 -17.43
CA PRO A 63 -27.41 -7.43 -17.66
C PRO A 63 -25.95 -7.89 -17.64
N ALA A 64 -25.05 -7.05 -18.15
CA ALA A 64 -23.62 -7.37 -18.11
C ALA A 64 -23.12 -7.45 -16.68
N LEU A 65 -23.46 -6.47 -15.85
CA LEU A 65 -23.08 -6.48 -14.44
C LEU A 65 -23.64 -7.70 -13.73
N VAL A 66 -24.86 -8.12 -14.12
CA VAL A 66 -25.51 -9.24 -13.45
C VAL A 66 -24.82 -10.55 -13.81
N ARG A 67 -24.37 -10.69 -15.05
CA ARG A 67 -23.66 -11.92 -15.42
C ARG A 67 -22.32 -12.00 -14.69
N TYR A 68 -21.65 -10.85 -14.51
CA TYR A 68 -20.40 -10.81 -13.74
C TYR A 68 -20.63 -11.25 -12.29
N LEU A 69 -21.60 -10.62 -11.62
CA LEU A 69 -21.87 -10.97 -10.23
C LEU A 69 -22.36 -12.41 -10.10
N ASP A 70 -23.08 -12.92 -11.10
CA ASP A 70 -23.48 -14.33 -11.06
C ASP A 70 -22.29 -15.26 -11.22
N ALA A 71 -21.32 -14.88 -12.05
CA ALA A 71 -20.09 -15.67 -12.18
C ALA A 71 -19.30 -15.66 -10.87
N VAL A 72 -19.17 -14.48 -10.27
CA VAL A 72 -18.51 -14.35 -8.97
C VAL A 72 -19.29 -15.08 -7.87
N GLU A 73 -20.62 -15.15 -7.98
CA GLU A 73 -21.41 -15.95 -7.04
C GLU A 73 -21.16 -17.44 -7.23
N SER A 74 -21.09 -17.89 -8.48
CA SER A 74 -20.71 -19.29 -8.71
C SER A 74 -19.33 -19.60 -8.15
N ALA A 75 -18.41 -18.62 -8.18
CA ALA A 75 -17.07 -18.83 -7.68
C ALA A 75 -17.03 -18.85 -6.16
N GLY A 76 -18.12 -18.48 -5.50
CA GLY A 76 -18.13 -18.43 -4.05
C GLY A 76 -17.64 -17.12 -3.46
N LEU A 77 -17.47 -16.08 -4.25
CA LEU A 77 -16.93 -14.83 -3.72
C LEU A 77 -18.02 -13.86 -3.25
N VAL A 78 -19.23 -13.97 -3.81
CA VAL A 78 -20.37 -13.19 -3.34
C VAL A 78 -21.53 -14.13 -3.10
N ILE A 79 -22.53 -13.60 -2.39
CA ILE A 79 -23.77 -14.30 -2.06
C ILE A 79 -24.92 -13.51 -2.68
N ARG A 80 -25.78 -14.20 -3.44
CA ARG A 80 -26.98 -13.54 -3.95
C ARG A 80 -28.04 -13.57 -2.86
N GLU A 81 -28.30 -12.41 -2.28
CA GLU A 81 -29.26 -12.32 -1.18
C GLU A 81 -30.69 -12.36 -1.69
N GLY A 82 -31.09 -11.35 -2.43
CA GLY A 82 -32.34 -11.46 -3.13
C GLY A 82 -32.10 -11.24 -4.60
N GLU A 83 -33.18 -11.08 -5.30
CA GLU A 83 -33.09 -10.74 -6.70
C GLU A 83 -32.55 -9.31 -6.88
N GLY A 84 -31.51 -9.18 -7.70
CA GLY A 84 -30.79 -7.93 -7.88
C GLY A 84 -29.92 -7.48 -6.72
N ARG A 85 -29.66 -8.33 -5.72
CA ARG A 85 -28.89 -7.90 -4.55
C ARG A 85 -27.81 -8.91 -4.19
N TYR A 86 -26.58 -8.44 -3.97
CA TYR A 86 -25.45 -9.32 -3.77
C TYR A 86 -24.61 -8.87 -2.58
N ARG A 87 -24.15 -9.85 -1.80
CA ARG A 87 -23.31 -9.65 -0.62
C ARG A 87 -22.00 -10.40 -0.78
N ALA A 88 -20.88 -9.78 -0.40
CA ALA A 88 -19.59 -10.47 -0.41
C ALA A 88 -19.54 -11.59 0.63
N CYS A 89 -18.81 -12.67 0.28
CA CYS A 89 -18.68 -13.81 1.21
C CYS A 89 -18.05 -13.38 2.54
N PRO A 90 -18.25 -14.17 3.60
CA PRO A 90 -17.78 -13.72 4.93
C PRO A 90 -16.29 -13.40 4.99
N ASP A 91 -15.44 -14.14 4.28
CA ASP A 91 -14.00 -13.91 4.35
C ASP A 91 -13.47 -13.12 3.14
N PHE A 92 -14.34 -12.30 2.53
CA PHE A 92 -13.96 -11.55 1.34
C PHE A 92 -12.71 -10.72 1.53
N ASP A 93 -12.57 -10.06 2.70
CA ASP A 93 -11.46 -9.12 2.88
C ASP A 93 -10.12 -9.84 2.95
N THR A 94 -10.12 -11.08 3.47
CA THR A 94 -8.91 -11.90 3.44
C THR A 94 -8.59 -12.35 2.02
N ILE A 95 -9.62 -12.75 1.26
CA ILE A 95 -9.41 -13.17 -0.11
C ILE A 95 -8.88 -12.02 -0.95
N ARG A 96 -9.44 -10.82 -0.75
CA ARG A 96 -8.97 -9.65 -1.48
C ARG A 96 -7.55 -9.27 -1.06
N HIS A 97 -7.21 -9.47 0.22
CA HIS A 97 -5.84 -9.22 0.67
C HIS A 97 -4.84 -10.14 -0.04
N GLN A 98 -5.15 -11.44 -0.11
CA GLN A 98 -4.28 -12.37 -0.84
C GLN A 98 -4.19 -12.01 -2.31
N ALA A 99 -5.31 -11.60 -2.92
CA ALA A 99 -5.30 -11.21 -4.32
C ALA A 99 -4.36 -10.05 -4.56
N GLY A 100 -4.16 -9.21 -3.54
CA GLY A 100 -3.24 -8.08 -3.67
C GLY A 100 -1.81 -8.48 -4.00
N TYR A 101 -1.30 -9.57 -3.40
CA TYR A 101 0.05 -10.01 -3.76
C TYR A 101 0.14 -10.39 -5.22
N ILE A 102 -0.87 -11.10 -5.73
CA ILE A 102 -0.85 -11.56 -7.11
C ILE A 102 -1.05 -10.39 -8.07
N SER A 103 -1.96 -9.50 -7.72
CA SER A 103 -2.16 -8.28 -8.50
C SER A 103 -0.86 -7.47 -8.58
N TRP A 104 -0.14 -7.35 -7.47
CA TRP A 104 1.06 -6.52 -7.49
C TRP A 104 2.15 -7.14 -8.37
N THR A 105 2.45 -8.44 -8.21
CA THR A 105 3.53 -9.01 -9.01
C THR A 105 3.14 -9.22 -10.47
N MET A 106 1.87 -9.55 -10.75
CA MET A 106 1.48 -9.95 -12.11
C MET A 106 0.79 -8.85 -12.90
N ASN A 107 0.30 -7.79 -12.25
CA ASN A 107 -0.45 -6.73 -12.91
C ASN A 107 0.31 -5.42 -12.79
N ALA A 108 0.49 -4.92 -11.57
CA ALA A 108 1.17 -3.65 -11.37
C ALA A 108 2.57 -3.66 -12.00
N ASN A 109 3.29 -4.77 -11.87
CA ASN A 109 4.68 -4.87 -12.35
C ASN A 109 4.79 -5.64 -13.66
N ARG A 110 3.68 -5.84 -14.36
CA ARG A 110 3.67 -6.49 -15.67
C ARG A 110 4.62 -5.87 -16.70
N PRO A 111 4.79 -4.54 -16.79
CA PRO A 111 5.79 -4.02 -17.74
C PRO A 111 7.18 -4.62 -17.56
N PHE A 112 7.58 -4.95 -16.32
CA PHE A 112 8.89 -5.57 -16.12
C PHE A 112 8.89 -7.04 -16.52
N ILE A 113 7.81 -7.77 -16.24
CA ILE A 113 7.73 -9.18 -16.63
C ILE A 113 7.90 -9.32 -18.13
N GLU A 114 7.12 -8.54 -18.89
CA GLU A 114 7.01 -8.74 -20.32
C GLU A 114 8.18 -8.16 -21.10
N ASN A 115 8.95 -7.24 -20.51
CA ASN A 115 9.95 -6.50 -21.26
C ASN A 115 11.34 -6.59 -20.64
N ALA A 116 11.62 -7.70 -19.93
CA ALA A 116 12.91 -7.83 -19.24
C ALA A 116 14.09 -7.73 -20.22
N ARG A 117 13.97 -8.33 -21.40
CA ARG A 117 15.05 -8.27 -22.39
C ARG A 117 15.42 -6.82 -22.70
N ASP A 118 14.44 -5.95 -22.94
CA ASP A 118 14.75 -4.53 -23.15
C ASP A 118 15.46 -3.92 -21.95
N PHE A 119 14.96 -4.18 -20.74
CA PHE A 119 15.63 -3.63 -19.57
C PHE A 119 17.05 -4.13 -19.43
N PHE A 120 17.34 -5.35 -19.92
CA PHE A 120 18.69 -5.90 -19.78
C PHE A 120 19.68 -5.30 -20.78
N THR A 121 19.21 -4.88 -21.95
CA THR A 121 20.08 -4.44 -23.03
C THR A 121 20.20 -2.93 -23.14
N ASP A 122 19.15 -2.18 -22.80
CA ASP A 122 19.23 -0.71 -22.75
C ASP A 122 18.21 -0.22 -21.71
N TRP A 123 18.69 -0.08 -20.46
CA TRP A 123 17.82 0.24 -19.34
C TRP A 123 17.15 1.60 -19.50
N ASP A 124 17.95 2.66 -19.75
CA ASP A 124 17.40 4.02 -19.80
C ASP A 124 16.25 4.12 -20.79
N LYS A 125 16.38 3.48 -21.95
CA LYS A 125 15.28 3.50 -22.92
C LYS A 125 14.10 2.66 -22.42
N ALA A 126 14.38 1.52 -21.77
CA ALA A 126 13.31 0.67 -21.30
C ALA A 126 12.55 1.32 -20.15
N ALA A 127 13.27 1.98 -19.24
CA ALA A 127 12.62 2.58 -18.07
C ALA A 127 11.58 3.63 -18.46
N ARG A 128 11.82 4.37 -19.54
CA ARG A 128 10.86 5.37 -19.99
C ARG A 128 9.86 4.83 -21.00
N THR A 129 10.11 3.69 -21.61
CA THR A 129 9.16 3.11 -22.55
C THR A 129 8.11 2.22 -21.89
N HIS A 130 8.53 1.40 -20.94
CA HIS A 130 7.63 0.43 -20.28
C HIS A 130 7.40 0.92 -18.86
N VAL A 131 6.25 1.57 -18.63
CA VAL A 131 5.97 2.25 -17.38
C VAL A 131 4.79 1.59 -16.68
N ARG A 132 4.85 1.54 -15.35
CA ARG A 132 3.81 0.91 -14.55
C ARG A 132 2.60 1.84 -14.42
N ASP A 133 1.40 1.25 -14.42
CA ASP A 133 0.16 1.98 -14.19
C ASP A 133 0.06 2.24 -12.69
N TYR A 134 0.21 3.52 -12.28
CA TYR A 134 0.25 3.82 -10.85
C TYR A 134 -1.11 3.69 -10.17
N ARG A 135 -2.21 3.61 -10.91
CA ARG A 135 -3.47 3.23 -10.29
C ARG A 135 -3.44 1.78 -9.83
N GLU A 136 -2.86 0.88 -10.64
CA GLU A 136 -2.73 -0.52 -10.26
C GLU A 136 -1.72 -0.68 -9.14
N VAL A 137 -0.63 0.09 -9.16
CA VAL A 137 0.34 0.04 -8.07
C VAL A 137 -0.32 0.39 -6.75
N ALA A 138 -1.14 1.44 -6.75
CA ALA A 138 -1.77 1.91 -5.53
C ALA A 138 -2.84 0.92 -5.03
N VAL A 139 -3.66 0.38 -5.93
CA VAL A 139 -4.73 -0.50 -5.47
C VAL A 139 -4.13 -1.79 -4.89
N SER A 140 -3.21 -2.42 -5.62
CA SER A 140 -2.66 -3.68 -5.11
C SER A 140 -1.84 -3.47 -3.84
N SER A 141 -1.10 -2.36 -3.74
CA SER A 141 -0.42 -2.06 -2.47
C SER A 141 -1.39 -1.94 -1.33
N GLN A 142 -2.54 -1.27 -1.54
CA GLN A 142 -3.52 -1.17 -0.45
C GLN A 142 -4.15 -2.52 -0.11
N TRP A 143 -4.37 -3.39 -1.10
CA TRP A 143 -4.87 -4.72 -0.76
C TRP A 143 -3.86 -5.51 0.07
N MET A 144 -2.56 -5.43 -0.28
CA MET A 144 -1.55 -6.11 0.52
C MET A 144 -1.44 -5.49 1.91
N GLY A 145 -1.51 -4.16 1.98
CA GLY A 145 -1.35 -3.49 3.26
C GLY A 145 -2.48 -3.77 4.24
N SER A 146 -3.67 -4.13 3.73
CA SER A 146 -4.85 -4.25 4.60
C SER A 146 -4.61 -5.19 5.77
N HIS A 147 -3.95 -6.33 5.55
CA HIS A 147 -3.72 -7.26 6.63
C HIS A 147 -2.26 -7.43 7.00
N ALA A 148 -1.34 -6.81 6.26
CA ALA A 148 0.06 -7.17 6.42
C ALA A 148 0.99 -6.03 6.75
N PHE A 149 0.56 -4.76 6.63
CA PHE A 149 1.36 -3.69 7.24
C PHE A 149 0.55 -2.51 7.74
N TYR A 150 -0.60 -2.23 7.14
CA TYR A 150 -1.37 -1.07 7.58
C TYR A 150 -1.82 -1.17 9.04
N PRO A 151 -2.41 -2.28 9.51
CA PRO A 151 -2.77 -2.36 10.94
C PRO A 151 -1.64 -2.07 11.90
N THR A 152 -0.44 -2.56 11.65
CA THR A 152 0.63 -2.34 12.62
C THR A 152 0.96 -0.86 12.72
N ALA A 153 0.92 -0.15 11.60
CA ALA A 153 1.22 1.28 11.61
C ALA A 153 0.15 2.06 12.36
N LEU A 154 -1.13 1.80 12.07
CA LEU A 154 -2.22 2.42 12.83
C LEU A 154 -2.02 2.31 14.33
N ALA A 155 -1.99 1.07 14.83
CA ALA A 155 -1.94 0.83 16.25
C ALA A 155 -0.78 1.58 16.90
N THR A 156 0.36 1.63 16.22
CA THR A 156 1.52 2.32 16.79
C THR A 156 1.25 3.81 16.93
N ILE A 157 0.59 4.40 15.93
CA ILE A 157 0.34 5.84 15.96
C ILE A 157 -0.71 6.17 17.00
N ILE A 158 -1.80 5.40 17.03
CA ILE A 158 -2.87 5.63 17.99
C ILE A 158 -2.33 5.48 19.42
N ASP A 159 -1.61 4.39 19.68
CA ASP A 159 -1.04 4.23 21.01
C ASP A 159 -0.05 5.32 21.45
N ALA A 160 0.66 5.96 20.55
CA ALA A 160 1.47 7.08 21.02
C ALA A 160 0.63 8.26 21.51
N ALA A 161 -0.70 8.22 21.33
CA ALA A 161 -1.59 9.31 21.71
C ALA A 161 -1.08 10.68 21.29
N PRO A 162 -0.92 10.92 19.99
CA PRO A 162 -0.22 12.12 19.54
C PRO A 162 -1.14 13.33 19.43
N ARG A 163 -0.49 14.51 19.46
CA ARG A 163 -1.15 15.78 19.21
C ARG A 163 -1.05 16.21 17.75
N LYS A 164 0.11 16.03 17.14
CA LYS A 164 0.32 16.34 15.73
C LYS A 164 0.99 15.15 15.05
N VAL A 165 0.45 14.76 13.88
CA VAL A 165 0.95 13.63 13.11
C VAL A 165 1.14 14.06 11.67
N VAL A 166 2.31 13.73 11.11
CA VAL A 166 2.66 14.08 9.74
C VAL A 166 2.86 12.79 8.93
N ASP A 167 2.37 12.79 7.69
CA ASP A 167 2.49 11.63 6.79
C ASP A 167 3.05 12.06 5.45
N LEU A 168 4.27 11.61 5.15
CA LEU A 168 4.94 11.93 3.90
C LEU A 168 4.58 10.88 2.85
N GLY A 169 3.94 11.32 1.77
CA GLY A 169 3.43 10.40 0.76
C GLY A 169 2.13 9.78 1.20
N ALA A 170 1.21 10.62 1.69
CA ALA A 170 0.00 10.17 2.38
C ALA A 170 -1.13 9.75 1.44
N GLY A 171 -1.03 10.04 0.13
CA GLY A 171 -2.11 9.66 -0.77
C GLY A 171 -3.43 10.26 -0.34
N THR A 172 -4.47 9.42 -0.31
CA THR A 172 -5.82 9.85 0.06
C THR A 172 -6.02 9.98 1.57
N CYS A 173 -4.93 9.97 2.34
CA CYS A 173 -4.92 10.30 3.76
C CYS A 173 -5.81 9.37 4.62
N ARG A 174 -6.21 8.19 4.12
CA ARG A 174 -6.93 7.24 4.97
C ARG A 174 -6.28 7.02 6.33
N LEU A 175 -4.95 6.88 6.36
CA LEU A 175 -4.30 6.59 7.64
C LEU A 175 -4.44 7.76 8.60
N LEU A 176 -4.29 8.99 8.11
CA LEU A 176 -4.50 10.17 8.94
C LEU A 176 -5.95 10.29 9.39
N ILE A 177 -6.91 10.08 8.49
CA ILE A 177 -8.31 10.17 8.87
C ILE A 177 -8.60 9.17 9.98
N GLU A 178 -8.06 7.96 9.86
CA GLU A 178 -8.34 6.94 10.86
C GLU A 178 -7.66 7.25 12.19
N VAL A 179 -6.49 7.89 12.18
CA VAL A 179 -5.82 8.23 13.43
C VAL A 179 -6.54 9.37 14.13
N LEU A 180 -6.81 10.46 13.40
CA LEU A 180 -7.58 11.57 13.97
C LEU A 180 -8.94 11.16 14.51
N GLY A 181 -9.61 10.18 13.88
CA GLY A 181 -10.86 9.70 14.46
C GLY A 181 -10.71 8.85 15.70
N ALA A 182 -9.46 8.61 16.14
CA ALA A 182 -9.16 7.79 17.31
C ALA A 182 -8.57 8.57 18.46
N VAL A 183 -7.79 9.61 18.19
CA VAL A 183 -7.37 10.57 19.21
C VAL A 183 -8.32 11.77 19.11
N PRO A 184 -9.24 11.96 20.07
CA PRO A 184 -10.26 13.00 19.90
C PRO A 184 -9.67 14.40 19.75
N GLY A 185 -8.49 14.64 20.33
CA GLY A 185 -7.80 15.90 20.14
C GLY A 185 -6.46 15.70 19.47
N SER A 186 -6.41 15.99 18.16
CA SER A 186 -5.22 15.72 17.37
C SER A 186 -5.36 16.42 16.02
N THR A 187 -4.21 16.70 15.42
CA THR A 187 -4.12 17.30 14.09
C THR A 187 -3.22 16.45 13.20
N GLY A 188 -3.41 16.59 11.89
CA GLY A 188 -2.65 15.80 10.94
C GLY A 188 -2.23 16.64 9.74
N VAL A 189 -1.20 16.17 9.07
CA VAL A 189 -0.74 16.78 7.82
C VAL A 189 -0.43 15.66 6.84
N GLY A 190 -1.12 15.69 5.69
CA GLY A 190 -0.87 14.75 4.63
C GLY A 190 -0.10 15.39 3.49
N LEU A 191 1.12 14.91 3.24
CA LEU A 191 1.98 15.50 2.22
C LEU A 191 2.05 14.55 1.02
N ASP A 192 1.79 15.08 -0.17
CA ASP A 192 1.82 14.30 -1.39
C ASP A 192 2.03 15.27 -2.54
N PHE A 193 2.78 14.85 -3.56
CA PHE A 193 3.16 15.75 -4.63
C PHE A 193 2.29 15.57 -5.85
N ALA A 194 1.37 14.61 -5.81
CA ALA A 194 0.50 14.28 -6.94
C ALA A 194 -0.78 15.09 -6.84
N ALA A 195 -1.19 15.68 -7.98
CA ALA A 195 -2.33 16.57 -7.99
C ALA A 195 -3.62 15.83 -7.66
N ASP A 196 -3.89 14.71 -8.36
CA ASP A 196 -5.15 14.00 -8.18
C ASP A 196 -5.21 13.33 -6.81
N ALA A 197 -4.09 12.77 -6.34
CA ALA A 197 -4.07 12.21 -4.99
C ALA A 197 -4.44 13.28 -3.98
N CYS A 198 -3.84 14.48 -4.11
CA CYS A 198 -4.15 15.56 -3.19
C CYS A 198 -5.60 15.98 -3.26
N ARG A 199 -6.19 15.98 -4.47
CA ARG A 199 -7.57 16.42 -4.61
C ARG A 199 -8.55 15.44 -3.96
N ALA A 200 -8.25 14.14 -4.02
CA ALA A 200 -9.15 13.15 -3.41
C ALA A 200 -8.98 13.11 -1.89
N ALA A 201 -7.74 13.21 -1.40
CA ALA A 201 -7.53 13.33 0.04
C ALA A 201 -8.19 14.57 0.59
N GLU A 202 -8.25 15.64 -0.20
CA GLU A 202 -8.75 16.93 0.24
C GLU A 202 -10.27 16.93 0.42
N GLN A 203 -10.99 16.03 -0.25
CA GLN A 203 -12.43 15.92 -0.08
C GLN A 203 -12.85 14.75 0.79
N ALA A 204 -12.03 13.70 0.86
CA ALA A 204 -12.28 12.65 1.84
C ALA A 204 -12.13 13.17 3.27
N VAL A 205 -11.18 14.09 3.47
CA VAL A 205 -11.06 14.79 4.75
C VAL A 205 -12.25 15.71 4.95
N ALA A 206 -12.75 16.31 3.86
CA ALA A 206 -13.94 17.14 3.96
C ALA A 206 -15.14 16.35 4.47
N GLN A 207 -15.42 15.20 3.85
CA GLN A 207 -16.58 14.40 4.22
C GLN A 207 -16.43 13.71 5.58
N ALA A 208 -15.26 13.77 6.19
CA ALA A 208 -15.07 13.30 7.55
C ALA A 208 -15.14 14.45 8.57
N GLY A 209 -15.36 15.68 8.11
CA GLY A 209 -15.42 16.84 8.99
C GLY A 209 -14.07 17.31 9.50
N MET A 210 -12.99 16.59 9.21
CA MET A 210 -11.63 16.91 9.64
C MET A 210 -10.95 17.94 8.74
N THR A 211 -11.74 18.61 7.89
CA THR A 211 -11.23 19.64 6.98
C THR A 211 -10.44 20.74 7.69
N ASP A 212 -10.61 20.91 9.00
CA ASP A 212 -9.84 21.87 9.78
C ASP A 212 -8.67 21.21 10.51
N ARG A 213 -8.89 20.04 11.10
CA ARG A 213 -7.86 19.34 11.87
C ARG A 213 -6.76 18.79 10.98
N LEU A 214 -6.98 18.67 9.67
CA LEU A 214 -6.11 17.92 8.77
C LEU A 214 -5.98 18.71 7.47
N THR A 215 -4.79 19.24 7.20
CA THR A 215 -4.53 19.97 5.97
C THR A 215 -3.78 19.07 4.99
N VAL A 216 -3.97 19.35 3.69
CA VAL A 216 -3.42 18.52 2.61
C VAL A 216 -2.44 19.40 1.82
N VAL A 217 -1.18 19.38 2.23
CA VAL A 217 -0.13 20.14 1.54
C VAL A 217 0.33 19.36 0.32
N GLU A 218 0.50 20.06 -0.79
CA GLU A 218 0.82 19.45 -2.08
C GLU A 218 2.27 19.80 -2.44
N ARG A 219 3.22 19.09 -1.83
CA ARG A 219 4.64 19.31 -2.11
C ARG A 219 5.34 17.96 -2.28
N THR A 220 6.65 18.04 -2.55
CA THR A 220 7.48 16.86 -2.60
C THR A 220 8.05 16.60 -1.21
N ILE A 221 8.41 15.35 -0.95
CA ILE A 221 9.12 15.07 0.29
C ILE A 221 10.53 15.66 0.24
N GLN A 222 11.08 15.80 -0.96
CA GLN A 222 12.35 16.51 -1.13
C GLN A 222 12.23 17.95 -0.64
N SER A 223 11.08 18.59 -0.88
CA SER A 223 10.91 20.00 -0.50
C SER A 223 11.06 20.21 1.01
N VAL A 224 10.72 19.18 1.80
CA VAL A 224 10.98 19.19 3.24
C VAL A 224 12.45 19.46 3.57
N ALA A 225 13.38 19.09 2.68
CA ALA A 225 14.79 19.24 3.03
C ALA A 225 15.18 20.70 3.20
N THR A 226 14.48 21.61 2.51
CA THR A 226 14.76 23.04 2.58
C THR A 226 13.68 23.83 3.28
N ASP A 227 12.41 23.44 3.13
CA ASP A 227 11.24 23.88 3.91
C ASP A 227 10.78 22.85 4.93
N PRO A 228 11.42 22.76 6.10
CA PRO A 228 10.95 21.80 7.11
C PRO A 228 9.90 22.36 8.03
N GLY A 229 9.32 23.51 7.69
CA GLY A 229 8.42 24.20 8.60
C GLY A 229 7.20 23.38 8.96
N VAL A 230 6.60 22.70 7.97
CA VAL A 230 5.36 21.98 8.21
C VAL A 230 5.57 20.83 9.18
N LEU A 231 6.81 20.35 9.32
CA LEU A 231 7.14 19.27 10.25
C LEU A 231 7.16 19.72 11.70
N GLU A 232 7.09 21.02 11.98
CA GLU A 232 7.39 21.54 13.31
C GLU A 232 6.50 20.95 14.40
N GLY A 233 7.12 20.42 15.44
CA GLY A 233 6.42 20.03 16.65
C GLY A 233 5.65 18.73 16.57
N ALA A 234 5.78 17.98 15.49
CA ALA A 234 5.03 16.74 15.33
C ALA A 234 5.44 15.70 16.37
N ASP A 235 4.45 14.95 16.87
CA ASP A 235 4.75 13.83 17.76
C ASP A 235 5.11 12.57 16.96
N VAL A 236 4.50 12.39 15.80
CA VAL A 236 4.78 11.24 14.94
C VAL A 236 4.87 11.69 13.49
N ILE A 237 5.91 11.22 12.80
CA ILE A 237 6.06 11.39 11.36
C ILE A 237 6.04 9.99 10.74
N HIS A 238 5.19 9.79 9.74
CA HIS A 238 5.07 8.49 9.09
C HIS A 238 5.43 8.61 7.61
N ALA A 239 6.22 7.64 7.13
CA ALA A 239 6.49 7.53 5.70
C ALA A 239 6.36 6.08 5.28
N GLY A 240 5.40 5.77 4.40
CA GLY A 240 5.19 4.40 3.96
C GLY A 240 5.73 4.08 2.58
N PHE A 241 6.78 3.27 2.50
CA PHE A 241 7.35 2.77 1.23
C PHE A 241 7.69 3.92 0.27
N VAL A 242 8.36 4.95 0.81
CA VAL A 242 8.59 6.20 0.10
C VAL A 242 10.07 6.57 0.04
N PHE A 243 10.80 6.46 1.14
CA PHE A 243 12.15 7.00 1.15
C PHE A 243 13.08 6.28 0.19
N HIS A 244 12.84 4.98 -0.07
CA HIS A 244 13.71 4.26 -1.00
C HIS A 244 13.67 4.88 -2.39
N ASP A 245 12.56 5.51 -2.77
CA ASP A 245 12.41 6.00 -4.13
C ASP A 245 13.29 7.24 -4.42
N MET A 246 14.10 7.69 -3.47
CA MET A 246 15.09 8.74 -3.70
C MET A 246 16.52 8.28 -3.39
N LEU A 247 16.76 6.97 -3.46
CA LEU A 247 18.10 6.42 -3.35
C LEU A 247 18.41 5.57 -4.57
N PRO A 248 19.65 5.58 -5.07
CA PRO A 248 20.76 6.37 -4.52
C PRO A 248 20.91 7.76 -5.15
N GLU A 249 20.02 8.14 -6.08
CA GLU A 249 20.23 9.38 -6.83
C GLU A 249 20.10 10.63 -5.97
N GLU A 250 19.43 10.57 -4.83
CA GLU A 250 19.23 11.76 -3.98
C GLU A 250 19.59 11.47 -2.52
N GLU A 251 20.74 10.82 -2.29
CA GLU A 251 21.08 10.41 -0.93
C GLU A 251 21.25 11.61 0.00
N ASP A 252 21.86 12.70 -0.50
CA ASP A 252 22.07 13.88 0.33
C ASP A 252 20.74 14.56 0.67
N VAL A 253 19.88 14.75 -0.33
CA VAL A 253 18.56 15.29 -0.05
C VAL A 253 17.83 14.42 0.97
N CYS A 254 17.92 13.09 0.81
CA CYS A 254 17.27 12.18 1.74
C CYS A 254 17.87 12.29 3.13
N ASP A 255 19.20 12.22 3.23
CA ASP A 255 19.85 12.35 4.53
C ASP A 255 19.45 13.62 5.24
N GLN A 256 19.09 14.62 4.46
CA GLN A 256 18.80 15.93 5.05
C GLN A 256 17.30 16.06 5.41
N VAL A 257 16.43 15.35 4.69
CA VAL A 257 15.05 15.22 5.13
C VAL A 257 14.99 14.45 6.44
N LEU A 258 15.77 13.37 6.57
CA LEU A 258 15.83 12.62 7.82
C LEU A 258 16.32 13.50 8.96
N ALA A 259 17.39 14.27 8.73
CA ALA A 259 17.89 15.19 9.75
C ALA A 259 16.86 16.27 10.09
N ASN A 260 16.13 16.77 9.08
CA ASN A 260 15.07 17.73 9.34
C ASN A 260 13.99 17.11 10.24
N CYS A 261 13.60 15.87 9.96
CA CYS A 261 12.55 15.23 10.74
C CYS A 261 12.94 15.08 12.20
N ARG A 262 14.20 14.72 12.46
CA ARG A 262 14.65 14.54 13.84
C ARG A 262 14.57 15.85 14.62
N GLU A 263 14.99 16.95 13.99
CA GLU A 263 14.98 18.24 14.68
C GLU A 263 13.57 18.77 14.88
N SER A 264 12.66 18.49 13.93
CA SER A 264 11.30 19.01 14.01
C SER A 264 10.42 18.26 15.00
N LEU A 265 10.87 17.11 15.49
CA LEU A 265 10.02 16.32 16.36
C LEU A 265 9.85 16.99 17.71
N ALA A 266 8.61 17.05 18.19
CA ALA A 266 8.35 17.40 19.58
C ALA A 266 9.06 16.42 20.51
N PRO A 267 9.26 16.80 21.77
CA PRO A 267 9.88 15.87 22.72
C PRO A 267 9.06 14.59 22.84
N GLY A 268 9.77 13.46 22.94
CA GLY A 268 9.12 12.16 22.96
C GLY A 268 8.60 11.68 21.63
N GLY A 269 8.86 12.41 20.54
CA GLY A 269 8.33 12.05 19.25
C GLY A 269 9.21 11.09 18.48
N PHE A 270 8.60 10.40 17.52
CA PHE A 270 9.35 9.42 16.73
C PHE A 270 8.93 9.49 15.26
N LEU A 271 9.88 9.13 14.41
CA LEU A 271 9.64 8.96 12.98
C LEU A 271 9.43 7.47 12.72
N ALA A 272 8.30 7.12 12.10
CA ALA A 272 7.94 5.74 11.78
C ALA A 272 8.08 5.52 10.28
N ILE A 273 9.01 4.67 9.89
CA ILE A 273 9.27 4.36 8.50
C ILE A 273 8.92 2.90 8.26
N THR A 274 7.97 2.65 7.37
CA THR A 274 7.81 1.32 6.80
C THR A 274 8.52 1.29 5.46
N ASP A 275 9.31 0.25 5.22
CA ASP A 275 9.99 0.17 3.94
C ASP A 275 10.37 -1.29 3.74
N ALA A 276 10.94 -1.61 2.58
CA ALA A 276 11.30 -2.98 2.25
C ALA A 276 12.80 -3.15 2.36
N VAL A 277 13.25 -4.22 3.03
CA VAL A 277 14.67 -4.53 3.08
C VAL A 277 14.98 -5.52 1.96
N PRO A 278 16.22 -5.61 1.48
CA PRO A 278 16.52 -6.47 0.33
C PRO A 278 16.93 -7.90 0.66
N TYR A 279 16.50 -8.80 -0.23
CA TYR A 279 16.85 -10.21 -0.32
C TYR A 279 17.02 -10.92 1.02
N LEU A 280 15.93 -11.12 1.74
CA LEU A 280 16.02 -11.92 2.95
C LEU A 280 16.19 -13.40 2.59
N ARG A 281 16.79 -14.17 3.51
CA ARG A 281 17.05 -15.59 3.29
C ARG A 281 16.12 -16.52 4.04
N ASN A 282 15.42 -16.05 5.07
CA ASN A 282 14.62 -16.97 5.88
C ASN A 282 13.47 -17.54 5.06
N ASP A 283 13.01 -18.73 5.45
CA ASP A 283 12.16 -19.50 4.55
C ASP A 283 10.82 -18.80 4.28
N ARG A 284 10.23 -18.17 5.30
CA ARG A 284 8.94 -17.53 5.09
C ARG A 284 9.03 -16.38 4.09
N GLU A 285 10.02 -15.50 4.25
CA GLU A 285 9.99 -14.27 3.47
C GLU A 285 10.80 -14.32 2.19
N ARG A 286 11.62 -15.34 1.96
CA ARG A 286 12.66 -15.20 0.94
C ARG A 286 12.08 -15.07 -0.48
N ARG A 287 10.97 -15.76 -0.78
CA ARG A 287 10.54 -15.75 -2.18
C ARG A 287 9.90 -14.42 -2.57
N PHE A 288 8.96 -13.93 -1.77
CA PHE A 288 8.40 -12.62 -2.08
C PHE A 288 9.42 -11.51 -1.86
N SER A 289 10.27 -11.65 -0.84
CA SER A 289 11.37 -10.70 -0.67
C SER A 289 12.16 -10.53 -1.97
N ALA A 290 12.50 -11.64 -2.60
CA ALA A 290 13.32 -11.59 -3.80
C ALA A 290 12.61 -10.87 -4.95
N ALA A 291 11.28 -11.07 -5.09
CA ALA A 291 10.53 -10.35 -6.12
C ALA A 291 10.50 -8.86 -5.85
N VAL A 292 10.17 -8.47 -4.61
CA VAL A 292 10.21 -7.05 -4.25
C VAL A 292 11.61 -6.45 -4.51
N SER A 293 12.66 -7.18 -4.14
CA SER A 293 14.02 -6.65 -4.30
C SER A 293 14.45 -6.60 -5.77
N TYR A 294 14.16 -7.65 -6.54
CA TYR A 294 14.58 -7.67 -7.93
C TYR A 294 13.84 -6.60 -8.72
N TYR A 295 12.53 -6.46 -8.49
CA TYR A 295 11.78 -5.38 -9.13
C TYR A 295 12.38 -4.02 -8.79
N HIS A 296 12.71 -3.78 -7.52
CA HIS A 296 13.25 -2.47 -7.15
C HIS A 296 14.70 -2.31 -7.62
N GLY A 297 15.54 -3.31 -7.37
CA GLY A 297 16.95 -3.15 -7.71
C GLY A 297 17.17 -3.15 -9.22
N GLU A 298 16.55 -4.09 -9.92
CA GLU A 298 16.90 -4.28 -11.32
C GLU A 298 16.07 -3.40 -12.24
N PHE A 299 14.78 -3.28 -11.97
CA PHE A 299 13.89 -2.59 -12.89
C PHE A 299 13.64 -1.15 -12.52
N MET A 300 13.58 -0.83 -11.23
CA MET A 300 13.34 0.56 -10.87
C MET A 300 14.64 1.28 -10.52
N ARG A 301 15.73 0.54 -10.32
CA ARG A 301 17.01 1.07 -9.85
C ARG A 301 16.81 2.01 -8.68
N ARG A 302 16.08 1.53 -7.67
CA ARG A 302 15.94 2.21 -6.38
C ARG A 302 16.54 1.33 -5.29
N ARG A 303 17.26 1.95 -4.35
CA ARG A 303 18.09 1.23 -3.42
C ARG A 303 17.30 0.87 -2.16
N LEU A 304 17.15 -0.42 -1.92
CA LEU A 304 16.59 -0.90 -0.66
C LEU A 304 17.72 -1.14 0.32
N GLN A 305 17.53 -0.70 1.56
CA GLN A 305 18.55 -0.83 2.60
C GLN A 305 18.19 -1.95 3.56
N SER A 306 19.21 -2.68 4.00
CA SER A 306 19.06 -3.62 5.10
C SER A 306 18.68 -2.90 6.39
N GLU A 307 18.27 -3.67 7.40
CA GLU A 307 18.04 -3.08 8.71
C GLU A 307 19.30 -2.38 9.22
N GLU A 308 20.45 -3.02 9.08
CA GLU A 308 21.70 -2.43 9.56
C GLU A 308 21.94 -1.07 8.93
N GLU A 309 21.80 -0.98 7.60
CA GLU A 309 21.97 0.31 6.92
C GLU A 309 20.96 1.34 7.39
N TRP A 310 19.69 0.95 7.56
CA TRP A 310 18.68 1.93 7.99
C TRP A 310 18.98 2.48 9.37
N VAL A 311 19.47 1.63 10.27
CA VAL A 311 19.73 2.07 11.63
C VAL A 311 20.90 3.04 11.65
N GLU A 312 21.94 2.67 10.94
CA GLU A 312 23.06 3.55 10.61
C GLU A 312 22.60 4.93 10.14
N ARG A 313 21.75 4.92 9.13
CA ARG A 313 21.34 6.14 8.48
C ARG A 313 20.49 6.99 9.42
N LEU A 314 19.69 6.34 10.26
CA LEU A 314 18.87 7.09 11.19
C LEU A 314 19.68 7.60 12.38
N ARG A 315 20.71 6.87 12.79
CA ARG A 315 21.61 7.37 13.83
C ARG A 315 22.34 8.63 13.35
N GLY A 316 22.95 8.54 12.15
CA GLY A 316 23.61 9.67 11.53
C GLY A 316 22.73 10.90 11.34
N ALA A 317 21.41 10.72 11.32
CA ALA A 317 20.51 11.87 11.32
C ALA A 317 20.22 12.37 12.72
N GLY A 318 20.80 11.76 13.75
CA GLY A 318 20.69 12.24 15.11
C GLY A 318 19.61 11.61 15.95
N PHE A 319 18.87 10.62 15.45
CA PHE A 319 17.91 9.94 16.31
C PHE A 319 18.64 9.17 17.41
N SER A 320 18.08 9.22 18.63
CA SER A 320 18.80 8.67 19.79
C SER A 320 18.65 7.16 19.93
N ASP A 321 17.56 6.59 19.41
CA ASP A 321 17.33 5.14 19.48
C ASP A 321 16.47 4.72 18.31
N VAL A 322 16.73 3.53 17.79
CA VAL A 322 16.03 3.00 16.63
C VAL A 322 15.53 1.59 16.96
N ARG A 323 14.21 1.38 16.81
CA ARG A 323 13.61 0.07 16.98
C ARG A 323 13.09 -0.42 15.62
N ALA A 324 13.45 -1.64 15.25
CA ALA A 324 12.97 -2.27 14.02
C ALA A 324 11.97 -3.37 14.35
N LEU A 325 10.85 -3.41 13.63
CA LEU A 325 9.79 -4.40 13.84
C LEU A 325 9.52 -5.19 12.57
N THR A 326 9.49 -6.51 12.70
CA THR A 326 9.15 -7.37 11.57
C THR A 326 7.66 -7.24 11.26
N LEU A 327 7.32 -6.83 10.03
CA LEU A 327 5.93 -6.78 9.58
C LEU A 327 5.55 -8.10 8.91
N ALA A 328 4.23 -8.37 8.86
CA ALA A 328 3.75 -9.58 8.19
C ALA A 328 4.00 -9.53 6.69
N PHE A 329 3.93 -8.35 6.09
CA PHE A 329 4.33 -8.15 4.70
C PHE A 329 5.76 -8.64 4.51
N PRO A 330 6.02 -9.68 3.73
CA PRO A 330 7.40 -10.19 3.64
C PRO A 330 8.35 -9.12 3.11
N THR A 331 9.51 -9.00 3.77
CA THR A 331 10.52 -7.93 3.76
C THR A 331 10.02 -6.59 4.19
N GLY A 332 8.82 -6.47 4.72
CA GLY A 332 8.40 -5.20 5.28
C GLY A 332 8.97 -5.05 6.70
N ARG A 333 9.50 -3.87 6.97
CA ARG A 333 10.02 -3.57 8.29
C ARG A 333 9.46 -2.21 8.70
N LEU A 334 9.09 -2.08 9.97
CA LEU A 334 8.68 -0.79 10.54
C LEU A 334 9.80 -0.34 11.45
N PHE A 335 10.48 0.74 11.05
CA PHE A 335 11.54 1.33 11.88
C PHE A 335 10.93 2.48 12.69
N LEU A 336 11.07 2.41 14.01
CA LEU A 336 10.66 3.49 14.90
C LEU A 336 11.93 4.21 15.39
N ALA A 337 12.13 5.45 14.94
CA ALA A 337 13.31 6.25 15.26
C ALA A 337 12.92 7.32 16.28
N HIS A 338 13.37 7.14 17.52
CA HIS A 338 13.09 8.07 18.60
C HIS A 338 14.09 9.23 18.58
N ARG A 339 13.58 10.43 18.80
CA ARG A 339 14.33 11.69 18.66
C ARG A 339 15.67 11.68 19.39
#